data_7RVL
# 
_entry.id   7RVL 
# 
_audit_conform.dict_name       mmcif_pdbx.dic 
_audit_conform.dict_version    5.392 
_audit_conform.dict_location   http://mmcif.pdb.org/dictionaries/ascii/mmcif_pdbx.dic 
# 
loop_
_database_2.database_id 
_database_2.database_code 
_database_2.pdbx_database_accession 
_database_2.pdbx_DOI 
PDB   7RVL         pdb_00007rvl 10.2210/pdb7rvl/pdb 
WWPDB D_1000259074 ?            ?                   
# 
loop_
_pdbx_audit_revision_history.ordinal 
_pdbx_audit_revision_history.data_content_type 
_pdbx_audit_revision_history.major_revision 
_pdbx_audit_revision_history.minor_revision 
_pdbx_audit_revision_history.revision_date 
1 'Structure model' 1 0 2022-08-24 
2 'Structure model' 1 1 2024-05-22 
# 
_pdbx_audit_revision_details.ordinal             1 
_pdbx_audit_revision_details.revision_ordinal    1 
_pdbx_audit_revision_details.data_content_type   'Structure model' 
_pdbx_audit_revision_details.provider            repository 
_pdbx_audit_revision_details.type                'Initial release' 
_pdbx_audit_revision_details.description         ? 
_pdbx_audit_revision_details.details             ? 
# 
_pdbx_audit_revision_group.ordinal             1 
_pdbx_audit_revision_group.revision_ordinal    2 
_pdbx_audit_revision_group.data_content_type   'Structure model' 
_pdbx_audit_revision_group.group               'Data collection' 
# 
loop_
_pdbx_audit_revision_category.ordinal 
_pdbx_audit_revision_category.revision_ordinal 
_pdbx_audit_revision_category.data_content_type 
_pdbx_audit_revision_category.category 
1 2 'Structure model' chem_comp_atom 
2 2 'Structure model' chem_comp_bond 
# 
_pdbx_database_status.status_code                     REL 
_pdbx_database_status.status_code_sf                  REL 
_pdbx_database_status.status_code_mr                  ? 
_pdbx_database_status.entry_id                        7RVL 
_pdbx_database_status.recvd_initial_deposition_date   2021-08-18 
_pdbx_database_status.SG_entry                        N 
_pdbx_database_status.deposit_site                    RCSB 
_pdbx_database_status.process_site                    RCSB 
_pdbx_database_status.status_code_cs                  ? 
_pdbx_database_status.status_code_nmr_data            ? 
_pdbx_database_status.methods_development_category    ? 
_pdbx_database_status.pdb_format_compatible           Y 
# 
loop_
_audit_author.name 
_audit_author.pdbx_ordinal 
_audit_author.identifier_ORCID 
'Glynn, C.'       1 ? 
'Rodriguez, J.A.' 2 ? 
'Hernandez, E.'   3 ? 
# 
_citation.abstract                  ? 
_citation.abstract_id_CAS           ? 
_citation.book_id_ISBN              ? 
_citation.book_publisher            ? 
_citation.book_publisher_city       ? 
_citation.book_title                ? 
_citation.coordinate_linkage        ? 
_citation.country                   ? 
_citation.database_id_Medline       ? 
_citation.details                   ? 
_citation.id                        primary 
_citation.journal_abbrev            'To be published' 
_citation.journal_id_ASTM           ? 
_citation.journal_id_CSD            0353 
_citation.journal_id_ISSN           ? 
_citation.journal_full              ? 
_citation.journal_issue             ? 
_citation.journal_volume            ? 
_citation.language                  ? 
_citation.page_first                ? 
_citation.page_last                 ? 
_citation.title                     
'Structural and Biophysical Consequences of Sequence Variation in the B2a2 Loop of Mammalian Prions' 
_citation.year                      ? 
_citation.database_id_CSD           ? 
_citation.pdbx_database_id_DOI      ? 
_citation.pdbx_database_id_PubMed   ? 
_citation.pdbx_database_id_patent   ? 
_citation.unpublished_flag          ? 
# 
loop_
_citation_author.citation_id 
_citation_author.name 
_citation_author.ordinal 
_citation_author.identifier_ORCID 
primary 'Glynn, C.'           1 ? 
primary 'Hernandez, E.'       2 ? 
primary 'Gallagher-Jones, M.' 3 ? 
primary 'Miao, J.'            4 ? 
primary 'Rodriguez, J.A.'     5 ? 
# 
loop_
_entity.id 
_entity.type 
_entity.src_method 
_entity.pdbx_description 
_entity.formula_weight 
_entity.pdbx_number_of_molecules 
_entity.pdbx_ec 
_entity.pdbx_mutation 
_entity.pdbx_fragment 
_entity.details 
1 polymer syn 'Major prion protein' 1098.122 1 ? Y169F 'UNP residues 168-176' ? 
2 water   nat water                 18.015   1 ? ?     ?                      ? 
# 
_entity_name_com.entity_id   1 
_entity_name_com.name        PrP,ASCR,PrP27-30,PrP33-35C 
# 
_entity_poly.entity_id                      1 
_entity_poly.type                           'polypeptide(L)' 
_entity_poly.nstd_linkage                   no 
_entity_poly.nstd_monomer                   no 
_entity_poly.pdbx_seq_one_letter_code       EFSNQNNFV 
_entity_poly.pdbx_seq_one_letter_code_can   EFSNQNNFV 
_entity_poly.pdbx_strand_id                 A 
_entity_poly.pdbx_target_identifier         ? 
# 
_pdbx_entity_nonpoly.entity_id   2 
_pdbx_entity_nonpoly.name        water 
_pdbx_entity_nonpoly.comp_id     HOH 
# 
loop_
_entity_poly_seq.entity_id 
_entity_poly_seq.num 
_entity_poly_seq.mon_id 
_entity_poly_seq.hetero 
1 1 GLU n 
1 2 PHE n 
1 3 SER n 
1 4 ASN n 
1 5 GLN n 
1 6 ASN n 
1 7 ASN n 
1 8 PHE n 
1 9 VAL n 
# 
_pdbx_entity_src_syn.entity_id              1 
_pdbx_entity_src_syn.pdbx_src_id            1 
_pdbx_entity_src_syn.pdbx_alt_source_flag   sample 
_pdbx_entity_src_syn.pdbx_beg_seq_num       1 
_pdbx_entity_src_syn.pdbx_end_seq_num       9 
_pdbx_entity_src_syn.organism_scientific    'Homo sapiens' 
_pdbx_entity_src_syn.organism_common_name   Human 
_pdbx_entity_src_syn.ncbi_taxonomy_id       9606 
_pdbx_entity_src_syn.details                ? 
# 
loop_
_chem_comp.id 
_chem_comp.type 
_chem_comp.mon_nstd_flag 
_chem_comp.name 
_chem_comp.pdbx_synonyms 
_chem_comp.formula 
_chem_comp.formula_weight 
ASN 'L-peptide linking' y ASPARAGINE      ? 'C4 H8 N2 O3'  132.118 
GLN 'L-peptide linking' y GLUTAMINE       ? 'C5 H10 N2 O3' 146.144 
GLU 'L-peptide linking' y 'GLUTAMIC ACID' ? 'C5 H9 N O4'   147.129 
HOH non-polymer         . WATER           ? 'H2 O'         18.015  
PHE 'L-peptide linking' y PHENYLALANINE   ? 'C9 H11 N O2'  165.189 
SER 'L-peptide linking' y SERINE          ? 'C3 H7 N O3'   105.093 
TYR 'L-peptide linking' y TYROSINE        ? 'C9 H11 N O3'  181.189 
VAL 'L-peptide linking' y VALINE          ? 'C5 H11 N O2'  117.146 
# 
loop_
_pdbx_poly_seq_scheme.asym_id 
_pdbx_poly_seq_scheme.entity_id 
_pdbx_poly_seq_scheme.seq_id 
_pdbx_poly_seq_scheme.mon_id 
_pdbx_poly_seq_scheme.ndb_seq_num 
_pdbx_poly_seq_scheme.pdb_seq_num 
_pdbx_poly_seq_scheme.auth_seq_num 
_pdbx_poly_seq_scheme.pdb_mon_id 
_pdbx_poly_seq_scheme.auth_mon_id 
_pdbx_poly_seq_scheme.pdb_strand_id 
_pdbx_poly_seq_scheme.pdb_ins_code 
_pdbx_poly_seq_scheme.hetero 
A 1 1 GLU 1 168 168 GLU GLU A . n 
A 1 2 PHE 2 169 169 PHE PHE A . n 
A 1 3 SER 3 170 170 SER SER A . n 
A 1 4 ASN 4 171 171 ASN ASN A . n 
A 1 5 GLN 5 172 172 GLN GLN A . n 
A 1 6 ASN 6 173 173 ASN ASN A . n 
A 1 7 ASN 7 174 174 ASN ASN A . n 
A 1 8 PHE 8 175 175 PHE PHE A . n 
A 1 9 VAL 9 176 176 VAL VAL A . n 
# 
_pdbx_nonpoly_scheme.asym_id         B 
_pdbx_nonpoly_scheme.entity_id       2 
_pdbx_nonpoly_scheme.mon_id          HOH 
_pdbx_nonpoly_scheme.ndb_seq_num     1 
_pdbx_nonpoly_scheme.pdb_seq_num     201 
_pdbx_nonpoly_scheme.auth_seq_num    1 
_pdbx_nonpoly_scheme.pdb_mon_id      HOH 
_pdbx_nonpoly_scheme.auth_mon_id     HOH 
_pdbx_nonpoly_scheme.pdb_strand_id   A 
_pdbx_nonpoly_scheme.pdb_ins_code    . 
# 
loop_
_software.citation_id 
_software.classification 
_software.compiler_name 
_software.compiler_version 
_software.contact_author 
_software.contact_author_email 
_software.date 
_software.description 
_software.dependencies 
_software.hardware 
_software.language 
_software.location 
_software.mods 
_software.name 
_software.os 
_software.os_version 
_software.type 
_software.version 
_software.pdbx_ordinal 
? 'data scaling'    ? ? ? ? ? ? ? ? ? ? ? XSCALE      ? ? ? .           1 
? refinement        ? ? ? ? ? ? ? ? ? ? ? PHENIX      ? ? ? 1.19.2_4158 2 
? 'data extraction' ? ? ? ? ? ? ? ? ? ? ? PDB_EXTRACT ? ? ? 3.27        3 
? 'data reduction'  ? ? ? ? ? ? ? ? ? ? ? XDS         ? ? ? .           4 
? phasing           ? ? ? ? ? ? ? ? ? ? ? SHELXD      ? ? ? .           5 
# 
_cell.angle_alpha                  90.910 
_cell.angle_alpha_esd              ? 
_cell.angle_beta                   90.820 
_cell.angle_beta_esd               ? 
_cell.angle_gamma                  102.250 
_cell.angle_gamma_esd              ? 
_cell.entry_id                     7RVL 
_cell.details                      ? 
_cell.formula_units_Z              ? 
_cell.length_a                     4.900 
_cell.length_a_esd                 ? 
_cell.length_b                     10.380 
_cell.length_b_esd                 ? 
_cell.length_c                     30.260 
_cell.length_c_esd                 ? 
_cell.volume                       ? 
_cell.volume_esd                   ? 
_cell.Z_PDB                        1 
_cell.reciprocal_angle_alpha       ? 
_cell.reciprocal_angle_beta        ? 
_cell.reciprocal_angle_gamma       ? 
_cell.reciprocal_angle_alpha_esd   ? 
_cell.reciprocal_angle_beta_esd    ? 
_cell.reciprocal_angle_gamma_esd   ? 
_cell.reciprocal_length_a          ? 
_cell.reciprocal_length_b          ? 
_cell.reciprocal_length_c          ? 
_cell.reciprocal_length_a_esd      ? 
_cell.reciprocal_length_b_esd      ? 
_cell.reciprocal_length_c_esd      ? 
_cell.pdbx_unique_axis             ? 
# 
_symmetry.entry_id                         7RVL 
_symmetry.cell_setting                     ? 
_symmetry.Int_Tables_number                1 
_symmetry.space_group_name_Hall            ? 
_symmetry.space_group_name_H-M             'P 1' 
_symmetry.pdbx_full_space_group_name_H-M   ? 
# 
_exptl.absorpt_coefficient_mu     ? 
_exptl.absorpt_correction_T_max   ? 
_exptl.absorpt_correction_T_min   ? 
_exptl.absorpt_correction_type    ? 
_exptl.absorpt_process_details    ? 
_exptl.entry_id                   7RVL 
_exptl.crystals_number            1 
_exptl.details                    ? 
_exptl.method                     'ELECTRON CRYSTALLOGRAPHY' 
_exptl.method_details             ? 
# 
_exptl_crystal.colour                      ? 
_exptl_crystal.density_diffrn              ? 
_exptl_crystal.density_Matthews            ? 
_exptl_crystal.density_method              ? 
_exptl_crystal.density_percent_sol         ? 
_exptl_crystal.description                 ? 
_exptl_crystal.F_000                       ? 
_exptl_crystal.id                          1 
_exptl_crystal.preparation                 ? 
_exptl_crystal.size_max                    ? 
_exptl_crystal.size_mid                    ? 
_exptl_crystal.size_min                    ? 
_exptl_crystal.size_rad                    ? 
_exptl_crystal.colour_lustre               ? 
_exptl_crystal.colour_modifier             ? 
_exptl_crystal.colour_primary              ? 
_exptl_crystal.density_meas                ? 
_exptl_crystal.density_meas_esd            ? 
_exptl_crystal.density_meas_gt             ? 
_exptl_crystal.density_meas_lt             ? 
_exptl_crystal.density_meas_temp           ? 
_exptl_crystal.density_meas_temp_esd       ? 
_exptl_crystal.density_meas_temp_gt        ? 
_exptl_crystal.density_meas_temp_lt        ? 
_exptl_crystal.pdbx_crystal_image_url      ? 
_exptl_crystal.pdbx_crystal_image_format   ? 
_exptl_crystal.pdbx_mosaicity              ? 
_exptl_crystal.pdbx_mosaicity_esd          ? 
# 
_exptl_crystal_grow.apparatus       ? 
_exptl_crystal_grow.atmosphere      ? 
_exptl_crystal_grow.crystal_id      1 
_exptl_crystal_grow.details         ? 
_exptl_crystal_grow.method          'VAPOR DIFFUSION, HANGING DROP' 
_exptl_crystal_grow.method_ref      ? 
_exptl_crystal_grow.pH              4.5 
_exptl_crystal_grow.pressure        ? 
_exptl_crystal_grow.pressure_esd    ? 
_exptl_crystal_grow.seeding         ? 
_exptl_crystal_grow.seeding_ref     ? 
_exptl_crystal_grow.temp            298 
_exptl_crystal_grow.temp_details    ? 
_exptl_crystal_grow.temp_esd        ? 
_exptl_crystal_grow.time            ? 
_exptl_crystal_grow.pdbx_details    '0.1 M sodium acetate, pH 4.5, 1 M sodium chloride, 0.1 M lithium sulfate' 
_exptl_crystal_grow.pdbx_pH_range   ? 
# 
_diffrn.ambient_environment              ? 
_diffrn.ambient_temp                     100 
_diffrn.ambient_temp_details             ? 
_diffrn.ambient_temp_esd                 ? 
_diffrn.crystal_id                       1 
_diffrn.crystal_support                  ? 
_diffrn.crystal_treatment                ? 
_diffrn.details                          ? 
_diffrn.id                               1 
_diffrn.ambient_pressure                 ? 
_diffrn.ambient_pressure_esd             ? 
_diffrn.ambient_pressure_gt              ? 
_diffrn.ambient_pressure_lt              ? 
_diffrn.ambient_temp_gt                  ? 
_diffrn.ambient_temp_lt                  ? 
_diffrn.pdbx_serial_crystal_experiment   N 
# 
_diffrn_detector.details                      ? 
_diffrn_detector.detector                     CMOS 
_diffrn_detector.diffrn_id                    1 
_diffrn_detector.type                         'TVIPS TEMCAM-F416' 
_diffrn_detector.area_resol_mean              ? 
_diffrn_detector.dtime                        ? 
_diffrn_detector.pdbx_frames_total            ? 
_diffrn_detector.pdbx_collection_time_total   ? 
_diffrn_detector.pdbx_collection_date         2017-04-25 
_diffrn_detector.pdbx_frequency               ? 
# 
_diffrn_radiation.collimation                      ? 
_diffrn_radiation.diffrn_id                        1 
_diffrn_radiation.filter_edge                      ? 
_diffrn_radiation.inhomogeneity                    ? 
_diffrn_radiation.monochromator                    ? 
_diffrn_radiation.polarisn_norm                    ? 
_diffrn_radiation.polarisn_ratio                   ? 
_diffrn_radiation.probe                            ? 
_diffrn_radiation.type                             ? 
_diffrn_radiation.xray_symbol                      ? 
_diffrn_radiation.wavelength_id                    1 
_diffrn_radiation.pdbx_monochromatic_or_laue_m_l   M 
_diffrn_radiation.pdbx_wavelength_list             ? 
_diffrn_radiation.pdbx_wavelength                  ? 
_diffrn_radiation.pdbx_diffrn_protocol             'SINGLE WAVELENGTH' 
_diffrn_radiation.pdbx_analyzer                    ? 
_diffrn_radiation.pdbx_scattering_type             electron 
# 
_diffrn_radiation_wavelength.id           1 
_diffrn_radiation_wavelength.wavelength   0.0251 
_diffrn_radiation_wavelength.wt           1.0 
# 
_diffrn_source.current                     ? 
_diffrn_source.details                     ? 
_diffrn_source.diffrn_id                   1 
_diffrn_source.power                       ? 
_diffrn_source.size                        ? 
_diffrn_source.source                      'ELECTRON MICROSCOPE' 
_diffrn_source.target                      ? 
_diffrn_source.type                        OTHER 
_diffrn_source.voltage                     ? 
_diffrn_source.take-off_angle              ? 
_diffrn_source.pdbx_wavelength_list        0.0251 
_diffrn_source.pdbx_wavelength             ? 
_diffrn_source.pdbx_synchrotron_beamline   ? 
_diffrn_source.pdbx_synchrotron_site       ? 
# 
_reflns.B_iso_Wilson_estimate                          4.340 
_reflns.entry_id                                       7RVL 
_reflns.data_reduction_details                         ? 
_reflns.data_reduction_method                          ? 
_reflns.d_resolution_high                              1.000 
_reflns.d_resolution_low                               10.140 
_reflns.details                                        ? 
_reflns.limit_h_max                                    ? 
_reflns.limit_h_min                                    ? 
_reflns.limit_k_max                                    ? 
_reflns.limit_k_min                                    ? 
_reflns.limit_l_max                                    ? 
_reflns.limit_l_min                                    ? 
_reflns.number_all                                     ? 
_reflns.number_obs                                     2737 
_reflns.observed_criterion                             ? 
_reflns.observed_criterion_F_max                       ? 
_reflns.observed_criterion_F_min                       ? 
_reflns.observed_criterion_I_max                       ? 
_reflns.observed_criterion_I_min                       ? 
_reflns.observed_criterion_sigma_F                     ? 
_reflns.observed_criterion_sigma_I                     ? 
_reflns.percent_possible_obs                           87.100 
_reflns.R_free_details                                 ? 
_reflns.Rmerge_F_all                                   ? 
_reflns.Rmerge_F_obs                                   ? 
_reflns.Friedel_coverage                               ? 
_reflns.number_gt                                      ? 
_reflns.threshold_expression                           ? 
_reflns.pdbx_redundancy                                5.357 
_reflns.pdbx_Rmerge_I_obs                              0.178 
_reflns.pdbx_Rmerge_I_all                              ? 
_reflns.pdbx_Rsym_value                                ? 
_reflns.pdbx_netI_over_av_sigmaI                       ? 
_reflns.pdbx_netI_over_sigmaI                          5.990 
_reflns.pdbx_res_netI_over_av_sigmaI_2                 ? 
_reflns.pdbx_res_netI_over_sigmaI_2                    ? 
_reflns.pdbx_chi_squared                               0.881 
_reflns.pdbx_scaling_rejects                           20 
_reflns.pdbx_d_res_high_opt                            ? 
_reflns.pdbx_d_res_low_opt                             ? 
_reflns.pdbx_d_res_opt_method                          ? 
_reflns.phase_calculation_details                      ? 
_reflns.pdbx_Rrim_I_all                                0.197 
_reflns.pdbx_Rpim_I_all                                ? 
_reflns.pdbx_d_opt                                     ? 
_reflns.pdbx_number_measured_all                       14661 
_reflns.pdbx_diffrn_id                                 1 
_reflns.pdbx_ordinal                                   1 
_reflns.pdbx_CC_half                                   0.985 
_reflns.pdbx_CC_star                                   ? 
_reflns.pdbx_R_split                                   ? 
_reflns.pdbx_aniso_diffraction_limit_axis_1_ortho[1]   ? 
_reflns.pdbx_aniso_diffraction_limit_axis_1_ortho[2]   ? 
_reflns.pdbx_aniso_diffraction_limit_axis_1_ortho[3]   ? 
_reflns.pdbx_aniso_diffraction_limit_axis_2_ortho[1]   ? 
_reflns.pdbx_aniso_diffraction_limit_axis_2_ortho[2]   ? 
_reflns.pdbx_aniso_diffraction_limit_axis_2_ortho[3]   ? 
_reflns.pdbx_aniso_diffraction_limit_axis_3_ortho[1]   ? 
_reflns.pdbx_aniso_diffraction_limit_axis_3_ortho[2]   ? 
_reflns.pdbx_aniso_diffraction_limit_axis_3_ortho[3]   ? 
_reflns.pdbx_aniso_diffraction_limit_1                 ? 
_reflns.pdbx_aniso_diffraction_limit_2                 ? 
_reflns.pdbx_aniso_diffraction_limit_3                 ? 
_reflns.pdbx_aniso_B_tensor_eigenvector_1_ortho[1]     ? 
_reflns.pdbx_aniso_B_tensor_eigenvector_1_ortho[2]     ? 
_reflns.pdbx_aniso_B_tensor_eigenvector_1_ortho[3]     ? 
_reflns.pdbx_aniso_B_tensor_eigenvector_2_ortho[1]     ? 
_reflns.pdbx_aniso_B_tensor_eigenvector_2_ortho[2]     ? 
_reflns.pdbx_aniso_B_tensor_eigenvector_2_ortho[3]     ? 
_reflns.pdbx_aniso_B_tensor_eigenvector_3_ortho[1]     ? 
_reflns.pdbx_aniso_B_tensor_eigenvector_3_ortho[2]     ? 
_reflns.pdbx_aniso_B_tensor_eigenvector_3_ortho[3]     ? 
_reflns.pdbx_aniso_B_tensor_eigenvalue_1               ? 
_reflns.pdbx_aniso_B_tensor_eigenvalue_2               ? 
_reflns.pdbx_aniso_B_tensor_eigenvalue_3               ? 
_reflns.pdbx_orthogonalization_convention              ? 
_reflns.pdbx_percent_possible_ellipsoidal              ? 
_reflns.pdbx_percent_possible_spherical                ? 
_reflns.pdbx_percent_possible_ellipsoidal_anomalous    ? 
_reflns.pdbx_percent_possible_spherical_anomalous      ? 
_reflns.pdbx_redundancy_anomalous                      ? 
_reflns.pdbx_CC_half_anomalous                         ? 
_reflns.pdbx_absDiff_over_sigma_anomalous              ? 
_reflns.pdbx_percent_possible_anomalous                ? 
_reflns.pdbx_observed_signal_threshold                 ? 
_reflns.pdbx_signal_type                               ? 
_reflns.pdbx_signal_details                            ? 
_reflns.pdbx_signal_software_id                        ? 
# 
loop_
_reflns_shell.d_res_high 
_reflns_shell.d_res_low 
_reflns_shell.meanI_over_sigI_all 
_reflns_shell.meanI_over_sigI_obs 
_reflns_shell.number_measured_all 
_reflns_shell.number_measured_obs 
_reflns_shell.number_possible 
_reflns_shell.number_unique_all 
_reflns_shell.number_unique_obs 
_reflns_shell.percent_possible_all 
_reflns_shell.percent_possible_obs 
_reflns_shell.Rmerge_F_all 
_reflns_shell.Rmerge_F_obs 
_reflns_shell.Rmerge_I_all 
_reflns_shell.Rmerge_I_obs 
_reflns_shell.meanI_over_sigI_gt 
_reflns_shell.meanI_over_uI_all 
_reflns_shell.meanI_over_uI_gt 
_reflns_shell.number_measured_gt 
_reflns_shell.number_unique_gt 
_reflns_shell.percent_possible_gt 
_reflns_shell.Rmerge_F_gt 
_reflns_shell.Rmerge_I_gt 
_reflns_shell.pdbx_redundancy 
_reflns_shell.pdbx_Rsym_value 
_reflns_shell.pdbx_chi_squared 
_reflns_shell.pdbx_netI_over_sigmaI_all 
_reflns_shell.pdbx_netI_over_sigmaI_obs 
_reflns_shell.pdbx_Rrim_I_all 
_reflns_shell.pdbx_Rpim_I_all 
_reflns_shell.pdbx_rejects 
_reflns_shell.pdbx_ordinal 
_reflns_shell.pdbx_diffrn_id 
_reflns_shell.pdbx_CC_half 
_reflns_shell.pdbx_CC_star 
_reflns_shell.pdbx_R_split 
_reflns_shell.pdbx_percent_possible_ellipsoidal 
_reflns_shell.pdbx_percent_possible_spherical 
_reflns_shell.pdbx_percent_possible_ellipsoidal_anomalous 
_reflns_shell.pdbx_percent_possible_spherical_anomalous 
_reflns_shell.pdbx_redundancy_anomalous 
_reflns_shell.pdbx_CC_half_anomalous 
_reflns_shell.pdbx_absDiff_over_sigma_anomalous 
_reflns_shell.pdbx_percent_possible_anomalous 
1.000 1.030  ? 3.660  ? 816  234 ? 163 69.700 ? ? ? ? 0.363 ? ? ? ? ? ? ? ? 5.006 ? ? ? ? 0.400 ? ? 1  1 0.940 ? ? ? ? ? ? ? ? ? ? 
1.030 1.050  ? 3.650  ? 894  223 ? 183 82.100 ? ? ? ? 0.330 ? ? ? ? ? ? ? ? 4.885 ? ? ? ? 0.360 ? ? 2  1 0.953 ? ? ? ? ? ? ? ? ? ? 
1.050 1.080  ? 4.020  ? 906  194 ? 168 86.600 ? ? ? ? 0.295 ? ? ? ? ? ? ? ? 5.393 ? ? ? ? 0.320 ? ? 3  1 0.964 ? ? ? ? ? ? ? ? ? ? 
1.080 1.120  ? 4.510  ? 1054 230 ? 200 87.000 ? ? ? ? 0.279 ? ? ? ? ? ? ? ? 5.270 ? ? ? ? 0.304 ? ? 4  1 0.945 ? ? ? ? ? ? ? ? ? ? 
1.120 1.150  ? 5.350  ? 1040 221 ? 190 86.000 ? ? ? ? 0.259 ? ? ? ? ? ? ? ? 5.474 ? ? ? ? 0.282 ? ? 5  1 0.934 ? ? ? ? ? ? ? ? ? ? 
1.150 1.200  ? 5.910  ? 1121 205 ? 182 88.800 ? ? ? ? 0.255 ? ? ? ? ? ? ? ? 6.159 ? ? ? ? 0.276 ? ? 6  1 0.957 ? ? ? ? ? ? ? ? ? ? 
1.200 1.240  ? 5.660  ? 1075 208 ? 186 89.400 ? ? ? ? 0.228 ? ? ? ? ? ? ? ? 5.780 ? ? ? ? 0.247 ? ? 7  1 0.973 ? ? ? ? ? ? ? ? ? ? 
1.240 1.290  ? 4.720  ? 716  170 ? 150 88.200 ? ? ? ? 0.276 ? ? ? ? ? ? ? ? 4.773 ? ? ? ? 0.312 ? ? 8  1 0.876 ? ? ? ? ? ? ? ? ? ? 
1.290 1.350  ? 5.710  ? 750  163 ? 145 89.000 ? ? ? ? 0.234 ? ? ? ? ? ? ? ? 5.172 ? ? ? ? 0.259 ? ? 9  1 0.951 ? ? ? ? ? ? ? ? ? ? 
1.350 1.410  ? 5.710  ? 785  169 ? 153 90.500 ? ? ? ? 0.267 ? ? ? ? ? ? ? ? 5.131 ? ? ? ? 0.299 ? ? 10 1 0.852 ? ? ? ? ? ? ? ? ? ? 
1.410 1.490  ? 6.070  ? 829  171 ? 157 91.800 ? ? ? ? 0.248 ? ? ? ? ? ? ? ? 5.280 ? ? ? ? 0.281 ? ? 11 1 0.912 ? ? ? ? ? ? ? ? ? ? 
1.490 1.580  ? 7.390  ? 928  169 ? 156 92.300 ? ? ? ? 0.227 ? ? ? ? ? ? ? ? 5.949 ? ? ? ? 0.250 ? ? 12 1 0.930 ? ? ? ? ? ? ? ? ? ? 
1.580 1.690  ? 8.050  ? 763  144 ? 131 91.000 ? ? ? ? 0.184 ? ? ? ? ? ? ? ? 5.824 ? ? ? ? 0.204 ? ? 13 1 0.935 ? ? ? ? ? ? ? ? ? ? 
1.690 1.830  ? 6.550  ? 479  117 ? 107 91.500 ? ? ? ? 0.176 ? ? ? ? ? ? ? ? 4.477 ? ? ? ? 0.202 ? ? 14 1 0.949 ? ? ? ? ? ? ? ? ? ? 
1.830 2.000  ? 7.950  ? 579  125 ? 114 91.200 ? ? ? ? 0.176 ? ? ? ? ? ? ? ? 5.079 ? ? ? ? 0.196 ? ? 15 1 0.985 ? ? ? ? ? ? ? ? ? ? 
2.000 2.240  ? 8.620  ? 598  118 ? 107 90.700 ? ? ? ? 0.170 ? ? ? ? ? ? ? ? 5.589 ? ? ? ? 0.189 ? ? 16 1 0.965 ? ? ? ? ? ? ? ? ? ? 
2.240 2.580  ? 9.500  ? 600  114 ? 102 89.500 ? ? ? ? 0.156 ? ? ? ? ? ? ? ? 5.882 ? ? ? ? 0.174 ? ? 17 1 0.958 ? ? ? ? ? ? ? ? ? ? 
2.580 3.160  ? 7.500  ? 232  65  ? 54  83.100 ? ? ? ? 0.133 ? ? ? ? ? ? ? ? 4.296 ? ? ? ? 0.156 ? ? 18 1 0.957 ? ? ? ? ? ? ? ? ? ? 
3.160 4.470  ? 10.540 ? 336  67  ? 60  89.600 ? ? ? ? 0.131 ? ? ? ? ? ? ? ? 5.600 ? ? ? ? 0.143 ? ? 19 1 0.991 ? ? ? ? ? ? ? ? ? ? 
4.470 10.140 ? 10.180 ? 160  36  ? 29  80.600 ? ? ? ? 0.097 ? ? ? ? ? ? ? ? 5.517 ? ? ? ? 0.107 ? ? 20 1 0.986 ? ? ? ? ? ? ? ? ? ? 
# 
_refine.aniso_B[1][1]                            ? 
_refine.aniso_B[1][2]                            ? 
_refine.aniso_B[1][3]                            ? 
_refine.aniso_B[2][2]                            ? 
_refine.aniso_B[2][3]                            ? 
_refine.aniso_B[3][3]                            ? 
_refine.B_iso_max                                24.200 
_refine.B_iso_mean                               8.0612 
_refine.B_iso_min                                0.930 
_refine.correlation_coeff_Fo_to_Fc               ? 
_refine.correlation_coeff_Fo_to_Fc_free          ? 
_refine.details                                  ? 
_refine.diff_density_max                         ? 
_refine.diff_density_max_esd                     ? 
_refine.diff_density_min                         ? 
_refine.diff_density_min_esd                     ? 
_refine.diff_density_rms                         ? 
_refine.diff_density_rms_esd                     ? 
_refine.entry_id                                 7RVL 
_refine.pdbx_refine_id                           'ELECTRON CRYSTALLOGRAPHY' 
_refine.ls_abs_structure_details                 ? 
_refine.ls_abs_structure_Flack                   ? 
_refine.ls_abs_structure_Flack_esd               ? 
_refine.ls_abs_structure_Rogers                  ? 
_refine.ls_abs_structure_Rogers_esd              ? 
_refine.ls_d_res_high                            1.0000 
_refine.ls_d_res_low                             10.1400 
_refine.ls_extinction_coef                       ? 
_refine.ls_extinction_coef_esd                   ? 
_refine.ls_extinction_expression                 ? 
_refine.ls_extinction_method                     ? 
_refine.ls_goodness_of_fit_all                   ? 
_refine.ls_goodness_of_fit_all_esd               ? 
_refine.ls_goodness_of_fit_obs                   ? 
_refine.ls_goodness_of_fit_obs_esd               ? 
_refine.ls_hydrogen_treatment                    ? 
_refine.ls_matrix_type                           ? 
_refine.ls_number_constraints                    ? 
_refine.ls_number_parameters                     ? 
_refine.ls_number_reflns_all                     ? 
_refine.ls_number_reflns_obs                     2733 
_refine.ls_number_reflns_R_free                  247 
_refine.ls_number_reflns_R_work                  2486 
_refine.ls_number_restraints                     ? 
_refine.ls_percent_reflns_obs                    87.0100 
_refine.ls_percent_reflns_R_free                 9.0400 
_refine.ls_R_factor_all                          ? 
_refine.ls_R_factor_obs                          0.1915 
_refine.ls_R_factor_R_free                       0.2106 
_refine.ls_R_factor_R_free_error                 ? 
_refine.ls_R_factor_R_free_error_details         ? 
_refine.ls_R_factor_R_work                       0.1897 
_refine.ls_R_Fsqd_factor_obs                     ? 
_refine.ls_R_I_factor_obs                        ? 
_refine.ls_redundancy_reflns_all                 ? 
_refine.ls_redundancy_reflns_obs                 ? 
_refine.ls_restrained_S_all                      ? 
_refine.ls_restrained_S_obs                      ? 
_refine.ls_shift_over_esd_max                    ? 
_refine.ls_shift_over_esd_mean                   ? 
_refine.ls_structure_factor_coef                 ? 
_refine.ls_weighting_details                     ? 
_refine.ls_weighting_scheme                      ? 
_refine.ls_wR_factor_all                         ? 
_refine.ls_wR_factor_obs                         ? 
_refine.ls_wR_factor_R_free                      ? 
_refine.ls_wR_factor_R_work                      ? 
_refine.occupancy_max                            ? 
_refine.occupancy_min                            ? 
_refine.solvent_model_details                    'FLAT BULK SOLVENT MODEL' 
_refine.solvent_model_param_bsol                 ? 
_refine.solvent_model_param_ksol                 ? 
_refine.pdbx_R_complete                          ? 
_refine.ls_R_factor_gt                           ? 
_refine.ls_goodness_of_fit_gt                    ? 
_refine.ls_goodness_of_fit_ref                   ? 
_refine.ls_shift_over_su_max                     ? 
_refine.ls_shift_over_su_max_lt                  ? 
_refine.ls_shift_over_su_mean                    ? 
_refine.ls_shift_over_su_mean_lt                 ? 
_refine.pdbx_ls_sigma_I                          ? 
_refine.pdbx_ls_sigma_F                          2.040 
_refine.pdbx_ls_sigma_Fsqd                       ? 
_refine.pdbx_data_cutoff_high_absF               ? 
_refine.pdbx_data_cutoff_high_rms_absF           ? 
_refine.pdbx_data_cutoff_low_absF                ? 
_refine.pdbx_isotropic_thermal_model             ? 
_refine.pdbx_ls_cross_valid_method               THROUGHOUT 
_refine.pdbx_method_to_determine_struct          'AB INITIO PHASING' 
_refine.pdbx_starting_model                      ? 
_refine.pdbx_stereochemistry_target_values       ML 
_refine.pdbx_R_Free_selection_details            ? 
_refine.pdbx_stereochem_target_val_spec_case     ? 
_refine.pdbx_overall_ESU_R                       ? 
_refine.pdbx_overall_ESU_R_Free                  ? 
_refine.pdbx_solvent_vdw_probe_radii             1.1100 
_refine.pdbx_solvent_ion_probe_radii             ? 
_refine.pdbx_solvent_shrinkage_radii             0.9000 
_refine.pdbx_real_space_R                        ? 
_refine.pdbx_density_correlation                 ? 
_refine.pdbx_pd_number_of_powder_patterns        ? 
_refine.pdbx_pd_number_of_points                 ? 
_refine.pdbx_pd_meas_number_of_points            ? 
_refine.pdbx_pd_proc_ls_prof_R_factor            ? 
_refine.pdbx_pd_proc_ls_prof_wR_factor           ? 
_refine.pdbx_pd_Marquardt_correlation_coeff      ? 
_refine.pdbx_pd_Fsqrd_R_factor                   ? 
_refine.pdbx_pd_ls_matrix_band_width             ? 
_refine.pdbx_overall_phase_error                 24.5400 
_refine.pdbx_overall_SU_R_free_Cruickshank_DPI   ? 
_refine.pdbx_overall_SU_R_free_Blow_DPI          ? 
_refine.pdbx_overall_SU_R_Blow_DPI               ? 
_refine.pdbx_TLS_residual_ADP_flag               ? 
_refine.pdbx_diffrn_id                           1 
_refine.overall_SU_B                             ? 
_refine.overall_SU_ML                            0.0500 
_refine.overall_SU_R_Cruickshank_DPI             ? 
_refine.overall_SU_R_free                        ? 
_refine.overall_FOM_free_R_set                   ? 
_refine.overall_FOM_work_R_set                   ? 
_refine.pdbx_average_fsc_overall                 ? 
_refine.pdbx_average_fsc_work                    ? 
_refine.pdbx_average_fsc_free                    ? 
# 
_refine_hist.pdbx_refine_id                   'ELECTRON CRYSTALLOGRAPHY' 
_refine_hist.cycle_id                         final 
_refine_hist.details                          ? 
_refine_hist.d_res_high                       1.0000 
_refine_hist.d_res_low                        10.1400 
_refine_hist.number_atoms_solvent             1 
_refine_hist.number_atoms_total               78 
_refine_hist.number_reflns_all                ? 
_refine_hist.number_reflns_obs                ? 
_refine_hist.number_reflns_R_free             ? 
_refine_hist.number_reflns_R_work             ? 
_refine_hist.R_factor_all                     ? 
_refine_hist.R_factor_obs                     ? 
_refine_hist.R_factor_R_free                  ? 
_refine_hist.R_factor_R_work                  ? 
_refine_hist.pdbx_number_residues_total       9 
_refine_hist.pdbx_B_iso_mean_ligand           ? 
_refine_hist.pdbx_B_iso_mean_solvent          24.20 
_refine_hist.pdbx_number_atoms_protein        77 
_refine_hist.pdbx_number_atoms_nucleic_acid   0 
_refine_hist.pdbx_number_atoms_ligand         0 
_refine_hist.pdbx_number_atoms_lipid          ? 
_refine_hist.pdbx_number_atoms_carb           ? 
_refine_hist.pdbx_pseudo_atom_details         ? 
# 
loop_
_refine_ls_shell.pdbx_refine_id 
_refine_ls_shell.d_res_high 
_refine_ls_shell.d_res_low 
_refine_ls_shell.number_reflns_all 
_refine_ls_shell.number_reflns_obs 
_refine_ls_shell.number_reflns_R_free 
_refine_ls_shell.number_reflns_R_work 
_refine_ls_shell.percent_reflns_obs 
_refine_ls_shell.percent_reflns_R_free 
_refine_ls_shell.R_factor_all 
_refine_ls_shell.R_factor_obs 
_refine_ls_shell.R_factor_R_free 
_refine_ls_shell.R_factor_R_free_error 
_refine_ls_shell.R_factor_R_work 
_refine_ls_shell.redundancy_reflns_all 
_refine_ls_shell.redundancy_reflns_obs 
_refine_ls_shell.wR_factor_all 
_refine_ls_shell.wR_factor_obs 
_refine_ls_shell.wR_factor_R_free 
_refine_ls_shell.wR_factor_R_work 
_refine_ls_shell.pdbx_R_complete 
_refine_ls_shell.pdbx_total_number_of_bins_used 
_refine_ls_shell.pdbx_phase_error 
_refine_ls_shell.pdbx_fsc_work 
_refine_ls_shell.pdbx_fsc_free 
'ELECTRON CRYSTALLOGRAPHY' 1.0000 1.2600  1324 . 120 1204 84.0000 . . . 0.2127 0.0000 0.1955 . . . . . . . 2 . . . 
'ELECTRON CRYSTALLOGRAPHY' 1.2600 10.1400 1409 . 127 1282 90.0000 . . . 0.2096 0.0000 0.1870 . . . . . . . 2 . . . 
# 
_struct.entry_id                     7RVL 
_struct.title                        'Segment from the Y169F mutant of the human prion protein 168-176 EFSNQNNFV' 
_struct.pdbx_model_details           ? 
_struct.pdbx_formula_weight          ? 
_struct.pdbx_formula_weight_method   ? 
_struct.pdbx_model_type_details      ? 
_struct.pdbx_CASP_flag               N 
# 
_struct_keywords.entry_id        7RVL 
_struct_keywords.text            'amyloid, prion, fibril, human prion, PROTEIN FIBRIL' 
_struct_keywords.pdbx_keywords   'PROTEIN FIBRIL' 
# 
loop_
_struct_asym.id 
_struct_asym.pdbx_blank_PDB_chainid_flag 
_struct_asym.pdbx_modified 
_struct_asym.entity_id 
_struct_asym.details 
A N N 1 ? 
B N N 2 ? 
# 
_struct_ref.id                         1 
_struct_ref.db_name                    UNP 
_struct_ref.db_code                    PRIO_HUMAN 
_struct_ref.pdbx_db_accession          P04156 
_struct_ref.pdbx_db_isoform            ? 
_struct_ref.entity_id                  1 
_struct_ref.pdbx_seq_one_letter_code   EYSNQNNFV 
_struct_ref.pdbx_align_begin           168 
# 
_struct_ref_seq.align_id                      1 
_struct_ref_seq.ref_id                        1 
_struct_ref_seq.pdbx_PDB_id_code              7RVL 
_struct_ref_seq.pdbx_strand_id                A 
_struct_ref_seq.seq_align_beg                 1 
_struct_ref_seq.pdbx_seq_align_beg_ins_code   ? 
_struct_ref_seq.seq_align_end                 9 
_struct_ref_seq.pdbx_seq_align_end_ins_code   ? 
_struct_ref_seq.pdbx_db_accession             P04156 
_struct_ref_seq.db_align_beg                  168 
_struct_ref_seq.pdbx_db_align_beg_ins_code    ? 
_struct_ref_seq.db_align_end                  176 
_struct_ref_seq.pdbx_db_align_end_ins_code    ? 
_struct_ref_seq.pdbx_auth_seq_align_beg       168 
_struct_ref_seq.pdbx_auth_seq_align_end       176 
# 
_struct_ref_seq_dif.align_id                     1 
_struct_ref_seq_dif.pdbx_pdb_id_code             7RVL 
_struct_ref_seq_dif.mon_id                       PHE 
_struct_ref_seq_dif.pdbx_pdb_strand_id           A 
_struct_ref_seq_dif.seq_num                      2 
_struct_ref_seq_dif.pdbx_pdb_ins_code            ? 
_struct_ref_seq_dif.pdbx_seq_db_name             UNP 
_struct_ref_seq_dif.pdbx_seq_db_accession_code   P04156 
_struct_ref_seq_dif.db_mon_id                    TYR 
_struct_ref_seq_dif.pdbx_seq_db_seq_num          169 
_struct_ref_seq_dif.details                      'engineered mutation' 
_struct_ref_seq_dif.pdbx_auth_seq_num            169 
_struct_ref_seq_dif.pdbx_ordinal                 1 
# 
_pdbx_struct_assembly.id                   1 
_pdbx_struct_assembly.details              author_defined_assembly 
_pdbx_struct_assembly.method_details       ? 
_pdbx_struct_assembly.oligomeric_details   monomeric 
_pdbx_struct_assembly.oligomeric_count     1 
# 
loop_
_pdbx_struct_assembly_prop.biol_id 
_pdbx_struct_assembly_prop.type 
_pdbx_struct_assembly_prop.value 
_pdbx_struct_assembly_prop.details 
1 'ABSA (A^2)' 0    ? 
1 MORE         0    ? 
1 'SSA (A^2)'  1350 ? 
# 
_pdbx_struct_assembly_gen.assembly_id       1 
_pdbx_struct_assembly_gen.oper_expression   1 
_pdbx_struct_assembly_gen.asym_id_list      A,B 
# 
_pdbx_struct_assembly_auth_evidence.id                     1 
_pdbx_struct_assembly_auth_evidence.assembly_id            1 
_pdbx_struct_assembly_auth_evidence.experimental_support   'electron microscopy' 
_pdbx_struct_assembly_auth_evidence.details                ? 
# 
_pdbx_struct_oper_list.id                   1 
_pdbx_struct_oper_list.type                 'identity operation' 
_pdbx_struct_oper_list.name                 1_555 
_pdbx_struct_oper_list.symmetry_operation   x,y,z 
_pdbx_struct_oper_list.matrix[1][1]         1.0000000000 
_pdbx_struct_oper_list.matrix[1][2]         0.0000000000 
_pdbx_struct_oper_list.matrix[1][3]         0.0000000000 
_pdbx_struct_oper_list.vector[1]            0.0000000000 
_pdbx_struct_oper_list.matrix[2][1]         0.0000000000 
_pdbx_struct_oper_list.matrix[2][2]         1.0000000000 
_pdbx_struct_oper_list.matrix[2][3]         0.0000000000 
_pdbx_struct_oper_list.vector[2]            0.0000000000 
_pdbx_struct_oper_list.matrix[3][1]         0.0000000000 
_pdbx_struct_oper_list.matrix[3][2]         0.0000000000 
_pdbx_struct_oper_list.matrix[3][3]         1.0000000000 
_pdbx_struct_oper_list.vector[3]            0.0000000000 
# 
_em_3d_reconstruction.entry_id                    7RVL 
_em_3d_reconstruction.id                          1 
_em_3d_reconstruction.algorithm                   ? 
_em_3d_reconstruction.details                     ? 
_em_3d_reconstruction.refinement_type             ? 
_em_3d_reconstruction.image_processing_id         1 
_em_3d_reconstruction.num_class_averages          ? 
_em_3d_reconstruction.num_particles               ? 
_em_3d_reconstruction.resolution                  1.00 
_em_3d_reconstruction.resolution_method           'DIFFRACTION PATTERN/LAYERLINES' 
_em_3d_reconstruction.symmetry_type               '3D CRYSTAL' 
_em_3d_reconstruction.method                      ? 
_em_3d_reconstruction.nominal_pixel_size          ? 
_em_3d_reconstruction.actual_pixel_size           ? 
_em_3d_reconstruction.magnification_calibration   ? 
# 
_em_entity_assembly.details              ? 
_em_entity_assembly.entity_id_list       1 
_em_entity_assembly.id                   1 
_em_entity_assembly.name                 'Major prion protein' 
_em_entity_assembly.oligomeric_details   ? 
_em_entity_assembly.parent_id            0 
_em_entity_assembly.source               NATURAL 
_em_entity_assembly.synonym              ? 
_em_entity_assembly.type                 COMPLEX 
# 
_em_imaging.id                              1 
_em_imaging.entry_id                        7RVL 
_em_imaging.accelerating_voltage            300 
_em_imaging.alignment_procedure             . 
_em_imaging.c2_aperture_diameter            . 
_em_imaging.calibrated_defocus_max          ? 
_em_imaging.calibrated_defocus_min          ? 
_em_imaging.calibrated_magnification        ? 
_em_imaging.cryogen                         NITROGEN 
_em_imaging.details                         ? 
_em_imaging.electron_source                 'FIELD EMISSION GUN' 
_em_imaging.illumination_mode               'FLOOD BEAM' 
_em_imaging.microscope_model                'FEI TECNAI F30' 
_em_imaging.mode                            DIFFRACTION 
_em_imaging.nominal_cs                      ? 
_em_imaging.nominal_defocus_max             ? 
_em_imaging.nominal_defocus_min             ? 
_em_imaging.nominal_magnification           ? 
_em_imaging.recording_temperature_maximum   ? 
_em_imaging.recording_temperature_minimum   ? 
_em_imaging.residual_tilt                   ? 
_em_imaging.specimen_holder_model           . 
_em_imaging.specimen_id                     1 
_em_imaging.citation_id                     ? 
_em_imaging.date                            ? 
_em_imaging.temperature                     ? 
_em_imaging.tilt_angle_min                  ? 
_em_imaging.tilt_angle_max                  ? 
_em_imaging.astigmatism                     ? 
_em_imaging.detector_distance               ? 
_em_imaging.electron_beam_tilt_params       ? 
_em_imaging.specimen_holder_type            ? 
# 
_em_experiment.entry_id                7RVL 
_em_experiment.id                      1 
_em_experiment.aggregation_state       '3D ARRAY' 
_em_experiment.reconstruction_method   CRYSTALLOGRAPHY 
_em_experiment.entity_assembly_id      1 
# 
loop_
_chem_comp_atom.comp_id 
_chem_comp_atom.atom_id 
_chem_comp_atom.type_symbol 
_chem_comp_atom.pdbx_aromatic_flag 
_chem_comp_atom.pdbx_stereo_config 
_chem_comp_atom.pdbx_ordinal 
ASN N    N N N 1   
ASN CA   C N S 2   
ASN C    C N N 3   
ASN O    O N N 4   
ASN CB   C N N 5   
ASN CG   C N N 6   
ASN OD1  O N N 7   
ASN ND2  N N N 8   
ASN OXT  O N N 9   
ASN H    H N N 10  
ASN H2   H N N 11  
ASN HA   H N N 12  
ASN HB2  H N N 13  
ASN HB3  H N N 14  
ASN HD21 H N N 15  
ASN HD22 H N N 16  
ASN HXT  H N N 17  
GLN N    N N N 18  
GLN CA   C N S 19  
GLN C    C N N 20  
GLN O    O N N 21  
GLN CB   C N N 22  
GLN CG   C N N 23  
GLN CD   C N N 24  
GLN OE1  O N N 25  
GLN NE2  N N N 26  
GLN OXT  O N N 27  
GLN H    H N N 28  
GLN H2   H N N 29  
GLN HA   H N N 30  
GLN HB2  H N N 31  
GLN HB3  H N N 32  
GLN HG2  H N N 33  
GLN HG3  H N N 34  
GLN HE21 H N N 35  
GLN HE22 H N N 36  
GLN HXT  H N N 37  
GLU N    N N N 38  
GLU CA   C N S 39  
GLU C    C N N 40  
GLU O    O N N 41  
GLU CB   C N N 42  
GLU CG   C N N 43  
GLU CD   C N N 44  
GLU OE1  O N N 45  
GLU OE2  O N N 46  
GLU OXT  O N N 47  
GLU H    H N N 48  
GLU H2   H N N 49  
GLU HA   H N N 50  
GLU HB2  H N N 51  
GLU HB3  H N N 52  
GLU HG2  H N N 53  
GLU HG3  H N N 54  
GLU HE2  H N N 55  
GLU HXT  H N N 56  
HOH O    O N N 57  
HOH H1   H N N 58  
HOH H2   H N N 59  
PHE N    N N N 60  
PHE CA   C N S 61  
PHE C    C N N 62  
PHE O    O N N 63  
PHE CB   C N N 64  
PHE CG   C Y N 65  
PHE CD1  C Y N 66  
PHE CD2  C Y N 67  
PHE CE1  C Y N 68  
PHE CE2  C Y N 69  
PHE CZ   C Y N 70  
PHE OXT  O N N 71  
PHE H    H N N 72  
PHE H2   H N N 73  
PHE HA   H N N 74  
PHE HB2  H N N 75  
PHE HB3  H N N 76  
PHE HD1  H N N 77  
PHE HD2  H N N 78  
PHE HE1  H N N 79  
PHE HE2  H N N 80  
PHE HZ   H N N 81  
PHE HXT  H N N 82  
SER N    N N N 83  
SER CA   C N S 84  
SER C    C N N 85  
SER O    O N N 86  
SER CB   C N N 87  
SER OG   O N N 88  
SER OXT  O N N 89  
SER H    H N N 90  
SER H2   H N N 91  
SER HA   H N N 92  
SER HB2  H N N 93  
SER HB3  H N N 94  
SER HG   H N N 95  
SER HXT  H N N 96  
TYR N    N N N 97  
TYR CA   C N S 98  
TYR C    C N N 99  
TYR O    O N N 100 
TYR CB   C N N 101 
TYR CG   C Y N 102 
TYR CD1  C Y N 103 
TYR CD2  C Y N 104 
TYR CE1  C Y N 105 
TYR CE2  C Y N 106 
TYR CZ   C Y N 107 
TYR OH   O N N 108 
TYR OXT  O N N 109 
TYR H    H N N 110 
TYR H2   H N N 111 
TYR HA   H N N 112 
TYR HB2  H N N 113 
TYR HB3  H N N 114 
TYR HD1  H N N 115 
TYR HD2  H N N 116 
TYR HE1  H N N 117 
TYR HE2  H N N 118 
TYR HH   H N N 119 
TYR HXT  H N N 120 
VAL N    N N N 121 
VAL CA   C N S 122 
VAL C    C N N 123 
VAL O    O N N 124 
VAL CB   C N N 125 
VAL CG1  C N N 126 
VAL CG2  C N N 127 
VAL OXT  O N N 128 
VAL H    H N N 129 
VAL H2   H N N 130 
VAL HA   H N N 131 
VAL HB   H N N 132 
VAL HG11 H N N 133 
VAL HG12 H N N 134 
VAL HG13 H N N 135 
VAL HG21 H N N 136 
VAL HG22 H N N 137 
VAL HG23 H N N 138 
VAL HXT  H N N 139 
# 
loop_
_chem_comp_bond.comp_id 
_chem_comp_bond.atom_id_1 
_chem_comp_bond.atom_id_2 
_chem_comp_bond.value_order 
_chem_comp_bond.pdbx_aromatic_flag 
_chem_comp_bond.pdbx_stereo_config 
_chem_comp_bond.pdbx_ordinal 
ASN N   CA   sing N N 1   
ASN N   H    sing N N 2   
ASN N   H2   sing N N 3   
ASN CA  C    sing N N 4   
ASN CA  CB   sing N N 5   
ASN CA  HA   sing N N 6   
ASN C   O    doub N N 7   
ASN C   OXT  sing N N 8   
ASN CB  CG   sing N N 9   
ASN CB  HB2  sing N N 10  
ASN CB  HB3  sing N N 11  
ASN CG  OD1  doub N N 12  
ASN CG  ND2  sing N N 13  
ASN ND2 HD21 sing N N 14  
ASN ND2 HD22 sing N N 15  
ASN OXT HXT  sing N N 16  
GLN N   CA   sing N N 17  
GLN N   H    sing N N 18  
GLN N   H2   sing N N 19  
GLN CA  C    sing N N 20  
GLN CA  CB   sing N N 21  
GLN CA  HA   sing N N 22  
GLN C   O    doub N N 23  
GLN C   OXT  sing N N 24  
GLN CB  CG   sing N N 25  
GLN CB  HB2  sing N N 26  
GLN CB  HB3  sing N N 27  
GLN CG  CD   sing N N 28  
GLN CG  HG2  sing N N 29  
GLN CG  HG3  sing N N 30  
GLN CD  OE1  doub N N 31  
GLN CD  NE2  sing N N 32  
GLN NE2 HE21 sing N N 33  
GLN NE2 HE22 sing N N 34  
GLN OXT HXT  sing N N 35  
GLU N   CA   sing N N 36  
GLU N   H    sing N N 37  
GLU N   H2   sing N N 38  
GLU CA  C    sing N N 39  
GLU CA  CB   sing N N 40  
GLU CA  HA   sing N N 41  
GLU C   O    doub N N 42  
GLU C   OXT  sing N N 43  
GLU CB  CG   sing N N 44  
GLU CB  HB2  sing N N 45  
GLU CB  HB3  sing N N 46  
GLU CG  CD   sing N N 47  
GLU CG  HG2  sing N N 48  
GLU CG  HG3  sing N N 49  
GLU CD  OE1  doub N N 50  
GLU CD  OE2  sing N N 51  
GLU OE2 HE2  sing N N 52  
GLU OXT HXT  sing N N 53  
HOH O   H1   sing N N 54  
HOH O   H2   sing N N 55  
PHE N   CA   sing N N 56  
PHE N   H    sing N N 57  
PHE N   H2   sing N N 58  
PHE CA  C    sing N N 59  
PHE CA  CB   sing N N 60  
PHE CA  HA   sing N N 61  
PHE C   O    doub N N 62  
PHE C   OXT  sing N N 63  
PHE CB  CG   sing N N 64  
PHE CB  HB2  sing N N 65  
PHE CB  HB3  sing N N 66  
PHE CG  CD1  doub Y N 67  
PHE CG  CD2  sing Y N 68  
PHE CD1 CE1  sing Y N 69  
PHE CD1 HD1  sing N N 70  
PHE CD2 CE2  doub Y N 71  
PHE CD2 HD2  sing N N 72  
PHE CE1 CZ   doub Y N 73  
PHE CE1 HE1  sing N N 74  
PHE CE2 CZ   sing Y N 75  
PHE CE2 HE2  sing N N 76  
PHE CZ  HZ   sing N N 77  
PHE OXT HXT  sing N N 78  
SER N   CA   sing N N 79  
SER N   H    sing N N 80  
SER N   H2   sing N N 81  
SER CA  C    sing N N 82  
SER CA  CB   sing N N 83  
SER CA  HA   sing N N 84  
SER C   O    doub N N 85  
SER C   OXT  sing N N 86  
SER CB  OG   sing N N 87  
SER CB  HB2  sing N N 88  
SER CB  HB3  sing N N 89  
SER OG  HG   sing N N 90  
SER OXT HXT  sing N N 91  
TYR N   CA   sing N N 92  
TYR N   H    sing N N 93  
TYR N   H2   sing N N 94  
TYR CA  C    sing N N 95  
TYR CA  CB   sing N N 96  
TYR CA  HA   sing N N 97  
TYR C   O    doub N N 98  
TYR C   OXT  sing N N 99  
TYR CB  CG   sing N N 100 
TYR CB  HB2  sing N N 101 
TYR CB  HB3  sing N N 102 
TYR CG  CD1  doub Y N 103 
TYR CG  CD2  sing Y N 104 
TYR CD1 CE1  sing Y N 105 
TYR CD1 HD1  sing N N 106 
TYR CD2 CE2  doub Y N 107 
TYR CD2 HD2  sing N N 108 
TYR CE1 CZ   doub Y N 109 
TYR CE1 HE1  sing N N 110 
TYR CE2 CZ   sing Y N 111 
TYR CE2 HE2  sing N N 112 
TYR CZ  OH   sing N N 113 
TYR OH  HH   sing N N 114 
TYR OXT HXT  sing N N 115 
VAL N   CA   sing N N 116 
VAL N   H    sing N N 117 
VAL N   H2   sing N N 118 
VAL CA  C    sing N N 119 
VAL CA  CB   sing N N 120 
VAL CA  HA   sing N N 121 
VAL C   O    doub N N 122 
VAL C   OXT  sing N N 123 
VAL CB  CG1  sing N N 124 
VAL CB  CG2  sing N N 125 
VAL CB  HB   sing N N 126 
VAL CG1 HG11 sing N N 127 
VAL CG1 HG12 sing N N 128 
VAL CG1 HG13 sing N N 129 
VAL CG2 HG21 sing N N 130 
VAL CG2 HG22 sing N N 131 
VAL CG2 HG23 sing N N 132 
VAL OXT HXT  sing N N 133 
# 
_em_3d_crystal_entity.id                    1 
_em_3d_crystal_entity.image_processing_id   1 
_em_3d_crystal_entity.angle_alpha           90.910 
_em_3d_crystal_entity.angle_beta            90.820 
_em_3d_crystal_entity.angle_gamma           102.250 
_em_3d_crystal_entity.length_a              4.900 
_em_3d_crystal_entity.length_b              10.380 
_em_3d_crystal_entity.length_c              30.260 
_em_3d_crystal_entity.space_group_name      'P 1' 
_em_3d_crystal_entity.space_group_num       1 
# 
_em_diffraction.id                1 
_em_diffraction.camera_length     1 
_em_diffraction.imaging_id        1 
_em_diffraction.tilt_angle_list   ? 
# 
_em_entity_assembly_naturalsource.cell                 ? 
_em_entity_assembly_naturalsource.cellular_location    ? 
_em_entity_assembly_naturalsource.entity_assembly_id   1 
_em_entity_assembly_naturalsource.id                   1 
_em_entity_assembly_naturalsource.ncbi_tax_id          9606 
_em_entity_assembly_naturalsource.organ                ? 
_em_entity_assembly_naturalsource.organelle            ? 
_em_entity_assembly_naturalsource.organism             'Homo sapiens' 
_em_entity_assembly_naturalsource.strain               ? 
_em_entity_assembly_naturalsource.tissue               ? 
# 
_em_image_processing.id                   1 
_em_image_processing.image_recording_id   1 
_em_image_processing.details              ? 
# 
_em_image_recording.id                            1 
_em_image_recording.imaging_id                    1 
_em_image_recording.avg_electron_dose_per_image   . 
_em_image_recording.average_exposure_time         . 
_em_image_recording.details                       ? 
_em_image_recording.detector_mode                 ? 
_em_image_recording.film_or_detector_model        'TVIPS TEMCAM-F416 (4k x 4k)' 
_em_image_recording.num_diffraction_images        . 
_em_image_recording.num_grids_imaged              1 
_em_image_recording.num_real_images               1 
# 
_em_specimen.id                      1 
_em_specimen.experiment_id           1 
_em_specimen.concentration           ? 
_em_specimen.details                 ? 
_em_specimen.embedding_applied       NO 
_em_specimen.shadowing_applied       NO 
_em_specimen.staining_applied        NO 
_em_specimen.vitrification_applied   NO 
# 
loop_
_pdbx_audit_support.funding_organization 
_pdbx_audit_support.country 
_pdbx_audit_support.grant_number 
_pdbx_audit_support.ordinal 
'National Institutes of Health/National Institute of General Medical Sciences (NIH/NIGMS)'        'United States' R35GM128867  1 
'National Institutes of Health/National Institute Of Allergy and Infectious Diseases (NIH/NIAID)' 'United States' 1F31AI143368 2 
# 
_atom_sites.entry_id                    7RVL 
_atom_sites.Cartn_transf_matrix[1][1]   ? 
_atom_sites.Cartn_transf_matrix[1][2]   ? 
_atom_sites.Cartn_transf_matrix[1][3]   ? 
_atom_sites.Cartn_transf_matrix[2][1]   ? 
_atom_sites.Cartn_transf_matrix[2][2]   ? 
_atom_sites.Cartn_transf_matrix[2][3]   ? 
_atom_sites.Cartn_transf_matrix[3][1]   ? 
_atom_sites.Cartn_transf_matrix[3][2]   ? 
_atom_sites.Cartn_transf_matrix[3][3]   ? 
_atom_sites.Cartn_transf_vector[1]      ? 
_atom_sites.Cartn_transf_vector[2]      ? 
_atom_sites.Cartn_transf_vector[3]      ? 
_atom_sites.fract_transf_matrix[1][1]   0.15217754 
_atom_sites.fract_transf_matrix[1][2]   -0.05970108 
_atom_sites.fract_transf_matrix[1][3]   0.13002075 
_atom_sites.fract_transf_matrix[2][1]   0.08123695 
_atom_sites.fract_transf_matrix[2][2]   0.02089772 
_atom_sites.fract_transf_matrix[2][3]   -0.05182952 
_atom_sites.fract_transf_matrix[3][1]   0.00141667 
_atom_sites.fract_transf_matrix[3][2]   0.03027102 
_atom_sites.fract_transf_matrix[3][3]   0.01320695 
_atom_sites.fract_transf_vector[1]      0.817484 
_atom_sites.fract_transf_vector[2]      0.679816 
_atom_sites.fract_transf_vector[3]      1.010743 
_atom_sites.solution_primary            ? 
_atom_sites.solution_secondary          ? 
_atom_sites.solution_hydrogens          ? 
_atom_sites.special_details             ? 
# 
loop_
_atom_type.symbol 
C 
H 
N 
O 
# 
loop_
_atom_site.group_PDB 
_atom_site.id 
_atom_site.type_symbol 
_atom_site.label_atom_id 
_atom_site.label_alt_id 
_atom_site.label_comp_id 
_atom_site.label_asym_id 
_atom_site.label_entity_id 
_atom_site.label_seq_id 
_atom_site.pdbx_PDB_ins_code 
_atom_site.Cartn_x 
_atom_site.Cartn_y 
_atom_site.Cartn_z 
_atom_site.occupancy 
_atom_site.B_iso_or_equiv 
_atom_site.pdbx_formal_charge 
_atom_site.auth_seq_id 
_atom_site.auth_comp_id 
_atom_site.auth_asym_id 
_atom_site.auth_atom_id 
_atom_site.pdbx_PDB_model_num 
ATOM   1   N N    . GLU A 1 1 ? -5.646 -13.417 -2.423 1.00 14.83 ? 168 GLU A N    1 
ATOM   2   C CA   . GLU A 1 1 ? -4.374 -12.637 -2.426 1.00 13.48 ? 168 GLU A CA   1 
ATOM   3   C C    . GLU A 1 1 ? -4.655 -11.141 -2.270 1.00 9.34  ? 168 GLU A C    1 
ATOM   4   O O    . GLU A 1 1 ? -5.407 -10.562 -3.045 1.00 9.89  ? 168 GLU A O    1 
ATOM   5   C CB   . GLU A 1 1 ? -3.600 -12.902 -3.723 1.00 16.68 ? 168 GLU A CB   1 
ATOM   6   C CG   . GLU A 1 1 ? -2.231 -12.233 -3.759 1.00 18.57 ? 168 GLU A CG   1 
ATOM   7   C CD   . GLU A 1 1 ? -1.402 -12.617 -4.974 1.00 19.96 ? 168 GLU A CD   1 
ATOM   8   O OE1  . GLU A 1 1 ? -1.941 -12.595 -6.101 1.00 20.64 ? 168 GLU A OE1  1 
ATOM   9   O OE2  . GLU A 1 1 ? -0.205 -12.932 -4.805 1.00 20.28 ? 168 GLU A OE2  1 
ATOM   10  H H1   . GLU A 1 1 ? -5.464 -14.281 -2.532 1.00 17.95 ? 168 GLU A H1   1 
ATOM   11  H H2   . GLU A 1 1 ? -6.065 -13.297 -1.646 1.00 17.95 ? 168 GLU A H2   1 
ATOM   12  H H3   . GLU A 1 1 ? -6.168 -13.136 -3.087 1.00 17.95 ? 168 GLU A H3   1 
ATOM   13  H HA   . GLU A 1 1 ? -3.819 -12.915 -1.680 1.00 16.33 ? 168 GLU A HA   1 
ATOM   14  H HB2  . GLU A 1 1 ? -3.466 -13.859 -3.817 1.00 20.17 ? 168 GLU A HB2  1 
ATOM   15  H HB3  . GLU A 1 1 ? -4.117 -12.564 -4.471 1.00 20.17 ? 168 GLU A HB3  1 
ATOM   16  H HG2  . GLU A 1 1 ? -2.353 -11.271 -3.773 1.00 22.44 ? 168 GLU A HG2  1 
ATOM   17  H HG3  . GLU A 1 1 ? -1.734 -12.494 -2.967 1.00 22.44 ? 168 GLU A HG3  1 
ATOM   18  N N    . PHE A 1 2 ? -4.018 -10.539 -1.270 1.00 6.87  ? 169 PHE A N    1 
ATOM   19  C CA   . PHE A 1 2 ? -4.195 -9.143  -0.880 1.00 6.10  ? 169 PHE A CA   1 
ATOM   20  C C    . PHE A 1 2 ? -2.818 -8.474  -0.927 1.00 4.54  ? 169 PHE A C    1 
ATOM   21  O O    . PHE A 1 2 ? -1.924 -8.847  -0.166 1.00 5.22  ? 169 PHE A O    1 
ATOM   22  C CB   . PHE A 1 2 ? -4.780 -9.138  0.547  1.00 6.35  ? 169 PHE A CB   1 
ATOM   23  C CG   . PHE A 1 2 ? -5.155 -7.787  1.098  1.00 6.29  ? 169 PHE A CG   1 
ATOM   24  C CD1  . PHE A 1 2 ? -4.221 -7.015  1.769  1.00 6.40  ? 169 PHE A CD1  1 
ATOM   25  C CD2  . PHE A 1 2 ? -6.464 -7.321  1.009  1.00 6.11  ? 169 PHE A CD2  1 
ATOM   26  C CE1  . PHE A 1 2 ? -4.565 -5.781  2.310  1.00 7.14  ? 169 PHE A CE1  1 
ATOM   27  C CE2  . PHE A 1 2 ? -6.809 -6.094  1.544  1.00 7.56  ? 169 PHE A CE2  1 
ATOM   28  C CZ   . PHE A 1 2 ? -5.863 -5.322  2.192  1.00 6.84  ? 169 PHE A CZ   1 
ATOM   29  H H    . PHE A 1 2 ? -3.443 -10.942 -0.774 1.00 8.39  ? 169 PHE A H    1 
ATOM   30  H HA   . PHE A 1 2 ? -4.779 -8.651  -1.479 1.00 7.47  ? 169 PHE A HA   1 
ATOM   31  H HB2  . PHE A 1 2 ? -5.583 -9.682  0.549  1.00 7.77  ? 169 PHE A HB2  1 
ATOM   32  H HB3  . PHE A 1 2 ? -4.120 -9.518  1.147  1.00 7.77  ? 169 PHE A HB3  1 
ATOM   33  H HD1  . PHE A 1 2 ? -3.349 -7.327  1.860  1.00 7.83  ? 169 PHE A HD1  1 
ATOM   34  H HD2  . PHE A 1 2 ? -7.110 -7.839  0.586  1.00 7.48  ? 169 PHE A HD2  1 
ATOM   35  H HE1  . PHE A 1 2 ? -3.925 -5.268  2.749  1.00 8.72  ? 169 PHE A HE1  1 
ATOM   36  H HE2  . PHE A 1 2 ? -7.684 -5.788  1.467  1.00 9.23  ? 169 PHE A HE2  1 
ATOM   37  H HZ   . PHE A 1 2 ? -6.100 -4.496  2.547  1.00 8.36  ? 169 PHE A HZ   1 
ATOM   38  N N    . SER A 1 3 ? -2.646 -7.494  -1.833 1.00 4.57  ? 170 SER A N    1 
ATOM   39  C CA   . SER A 1 3 ? -1.387 -6.747  -2.007 1.00 4.45  ? 170 SER A CA   1 
ATOM   40  C C    . SER A 1 3 ? -1.667 -5.255  -1.893 1.00 3.82  ? 170 SER A C    1 
ATOM   41  O O    . SER A 1 3 ? -2.488 -4.725  -2.649 1.00 4.62  ? 170 SER A O    1 
ATOM   42  C CB   . SER A 1 3 ? -0.755 -7.042  -3.372 1.00 5.71  ? 170 SER A CB   1 
ATOM   43  O OG   . SER A 1 3 ? -0.517 -8.427  -3.522 1.00 7.87  ? 170 SER A OG   1 
ATOM   44  H H    . SER A 1 3 ? -3.263 -7.236  -2.374 1.00 5.63  ? 170 SER A H    1 
ATOM   45  H HA   . SER A 1 3 ? -0.772 -7.006  -1.303 1.00 5.50  ? 170 SER A HA   1 
ATOM   46  H HB2  . SER A 1 3 ? -1.360 -6.748  -4.071 1.00 7.00  ? 170 SER A HB2  1 
ATOM   47  H HB3  . SER A 1 3 ? 0.088  -6.567  -3.440 1.00 7.00  ? 170 SER A HB3  1 
ATOM   48  H HG   . SER A 1 3 ? -0.138 -8.575  -4.257 1.00 9.60  ? 170 SER A HG   1 
ATOM   49  N N    . ASN A 1 4 ? -0.947 -4.578  -0.996 1.00 2.70  ? 171 ASN A N    1 
ATOM   50  C CA   . ASN A 1 4 ? -1.288 -3.231  -0.565 1.00 2.08  ? 171 ASN A CA   1 
ATOM   51  C C    . ASN A 1 4 ? -0.035 -2.398  -0.273 1.00 2.46  ? 171 ASN A C    1 
ATOM   52  O O    . ASN A 1 4 ? 0.835  -2.842  0.477  1.00 3.06  ? 171 ASN A O    1 
ATOM   53  C CB   . ASN A 1 4 ? -2.178 -3.353  0.694  1.00 3.10  ? 171 ASN A CB   1 
ATOM   54  C CG   . ASN A 1 4 ? -2.637 -2.012  1.230  1.00 1.03  ? 171 ASN A CG   1 
ATOM   55  O OD1  . ASN A 1 4 ? -3.295 -1.252  0.527  1.00 2.39  ? 171 ASN A OD1  1 
ATOM   56  N ND2  . ASN A 1 4 ? -2.371 -1.746  2.484  1.00 3.08  ? 171 ASN A ND2  1 
ATOM   57  H H    . ASN A 1 4 ? -0.240 -4.889  -0.617 1.00 3.40  ? 171 ASN A H    1 
ATOM   58  H HA   . ASN A 1 4 ? -1.747 -2.752  -1.273 1.00 2.64  ? 171 ASN A HA   1 
ATOM   59  H HB2  . ASN A 1 4 ? -2.968 -3.872  0.474  1.00 3.87  ? 171 ASN A HB2  1 
ATOM   60  H HB3  . ASN A 1 4 ? -1.675 -3.797  1.394  1.00 3.87  ? 171 ASN A HB3  1 
ATOM   61  H HD21 . ASN A 1 4 ? -1.952 -2.322  2.966  1.00 3.85  ? 171 ASN A HD21 1 
ATOM   62  H HD22 . ASN A 1 4 ? -2.613 -0.995  2.826  1.00 3.85  ? 171 ASN A HD22 1 
ATOM   63  N N    . GLN A 1 5 ? 0.051  -1.179  -0.846 1.00 1.26  ? 172 GLN A N    1 
ATOM   64  C CA   . GLN A 1 5 ? 1.174  -0.262  -0.555 1.00 0.93  ? 172 GLN A CA   1 
ATOM   65  C C    . GLN A 1 5 ? 0.689  1.179   -0.599 1.00 2.06  ? 172 GLN A C    1 
ATOM   66  O O    . GLN A 1 5 ? -0.009 1.556   -1.532 1.00 2.24  ? 172 GLN A O    1 
ATOM   67  C CB   . GLN A 1 5 ? 2.358  -0.439  -1.535 1.00 1.05  ? 172 GLN A CB   1 
ATOM   68  C CG   . GLN A 1 5 ? 3.693  0.099   -1.037 1.00 2.00  ? 172 GLN A CG   1 
ATOM   69  C CD   . GLN A 1 5 ? 3.897  1.612   -1.188 1.00 2.38  ? 172 GLN A CD   1 
ATOM   70  O OE1  . GLN A 1 5 ? 3.372  2.239   -2.126 1.00 2.99  ? 172 GLN A OE1  1 
ATOM   71  N NE2  . GLN A 1 5 ? 4.652  2.198   -0.260 1.00 2.81  ? 172 GLN A NE2  1 
ATOM   72  H H    . GLN A 1 5 ? -0.525 -0.864  -1.402 1.00 1.67  ? 172 GLN A H    1 
ATOM   73  H HA   . GLN A 1 5 ? 1.490  -0.461  0.340  1.00 1.27  ? 172 GLN A HA   1 
ATOM   74  H HB2  . GLN A 1 5 ? 2.473  -1.386  -1.710 1.00 1.41  ? 172 GLN A HB2  1 
ATOM   75  H HB3  . GLN A 1 5 ? 2.147  0.027   -2.359 1.00 1.41  ? 172 GLN A HB3  1 
ATOM   76  H HG2  . GLN A 1 5 ? 3.773  -0.110  -0.093 1.00 2.56  ? 172 GLN A HG2  1 
ATOM   77  H HG3  . GLN A 1 5 ? 4.403  -0.338  -1.534 1.00 2.56  ? 172 GLN A HG3  1 
ATOM   78  H HE21 . GLN A 1 5 ? 4.993  1.729   0.376  1.00 3.53  ? 172 GLN A HE21 1 
ATOM   79  H HE22 . GLN A 1 5 ? 4.799  3.044   -0.296 1.00 3.53  ? 172 GLN A HE22 1 
ATOM   80  N N    . ASN A 1 6 ? 1.054  1.985   0.386  1.00 1.83  ? 173 ASN A N    1 
ATOM   81  C CA   . ASN A 1 6 ? 0.648  3.384   0.418  1.00 2.84  ? 173 ASN A CA   1 
ATOM   82  C C    . ASN A 1 6 ? 1.786  4.277   0.936  1.00 3.33  ? 173 ASN A C    1 
ATOM   83  O O    . ASN A 1 6 ? 2.532  3.900   1.854  1.00 4.39  ? 173 ASN A O    1 
ATOM   84  C CB   . ASN A 1 6 ? -0.645 3.554   1.262  1.00 3.82  ? 173 ASN A CB   1 
ATOM   85  C CG   . ASN A 1 6 ? -1.798 2.615   0.818  1.00 4.58  ? 173 ASN A CG   1 
ATOM   86  O OD1  . ASN A 1 6 ? -2.640 2.987   -0.013 1.00 5.26  ? 173 ASN A OD1  1 
ATOM   87  N ND2  . ASN A 1 6 ? -1.831 1.397   1.379  1.00 4.40  ? 173 ASN A ND2  1 
ATOM   88  H H    . ASN A 1 6 ? 1.541  1.745   1.052  1.00 2.35  ? 173 ASN A H    1 
ATOM   89  H HA   . ASN A 1 6 ? 0.467  3.693   -0.484 1.00 3.57  ? 173 ASN A HA   1 
ATOM   90  H HB2  . ASN A 1 6 ? -0.442 3.357   2.190  1.00 4.74  ? 173 ASN A HB2  1 
ATOM   91  H HB3  . ASN A 1 6 ? -0.956 4.469   1.177  1.00 4.74  ? 173 ASN A HB3  1 
ATOM   92  H HD21 . ASN A 1 6 ? -2.451 0.842   1.165  1.00 5.43  ? 173 ASN A HD21 1 
ATOM   93  H HD22 . ASN A 1 6 ? -1.232 1.173   1.955  1.00 5.43  ? 173 ASN A HD22 1 
ATOM   94  N N    . ASN A 1 7 ? 1.895  5.478   0.326  1.00 3.84  ? 174 ASN A N    1 
ATOM   95  C CA   . ASN A 1 7 ? 2.899  6.486   0.670  1.00 4.13  ? 174 ASN A CA   1 
ATOM   96  C C    . ASN A 1 7 ? 2.207  7.760   1.142  1.00 4.31  ? 174 ASN A C    1 
ATOM   97  O O    . ASN A 1 7 ? 1.310  8.268   0.452  1.00 5.10  ? 174 ASN A O    1 
ATOM   98  C CB   . ASN A 1 7 ? 3.810  6.875   -0.521 1.00 3.80  ? 174 ASN A CB   1 
ATOM   99  C CG   . ASN A 1 7 ? 4.687  5.730   -0.998 1.00 3.45  ? 174 ASN A CG   1 
ATOM   100 O OD1  . ASN A 1 7 ? 5.401  5.117   -0.198 1.00 3.81  ? 174 ASN A OD1  1 
ATOM   101 N ND2  . ASN A 1 7 ? 4.659  5.441   -2.302 1.00 3.99  ? 174 ASN A ND2  1 
ATOM   102 H H    . ASN A 1 7 ? 1.376  5.732   -0.311 1.00 4.76  ? 174 ASN A H    1 
ATOM   103 H HA   . ASN A 1 7 ? 3.445  6.105   1.376  1.00 5.11  ? 174 ASN A HA   1 
ATOM   104 H HB2  . ASN A 1 7 ? 3.254  7.154   -1.265 1.00 4.71  ? 174 ASN A HB2  1 
ATOM   105 H HB3  . ASN A 1 7 ? 4.391  7.602   -0.249 1.00 4.71  ? 174 ASN A HB3  1 
ATOM   106 H HD21 . ASN A 1 7 ? 5.141  4.799   -2.610 1.00 4.94  ? 174 ASN A HD21 1 
ATOM   107 H HD22 . ASN A 1 7 ? 4.158  5.894   -2.832 1.00 4.94  ? 174 ASN A HD22 1 
ATOM   108 N N    . PHE A 1 8 ? 2.666  8.300   2.278  1.00 4.84  ? 175 PHE A N    1 
ATOM   109 C CA   . PHE A 1 8 ? 2.146  9.536   2.854  1.00 5.81  ? 175 PHE A CA   1 
ATOM   110 C C    . PHE A 1 8 ? 3.307  10.501  3.094  1.00 6.31  ? 175 PHE A C    1 
ATOM   111 O O    . PHE A 1 8 ? 4.174  10.242  3.935  1.00 7.07  ? 175 PHE A O    1 
ATOM   112 C CB   . PHE A 1 8 ? 1.401  9.248   4.170  1.00 6.07  ? 175 PHE A CB   1 
ATOM   113 C CG   . PHE A 1 8 ? 0.278  8.227   4.054  1.00 6.72  ? 175 PHE A CG   1 
ATOM   114 C CD1  . PHE A 1 8 ? 0.528  6.863   4.132  1.00 6.69  ? 175 PHE A CD1  1 
ATOM   115 C CD2  . PHE A 1 8 ? -1.039 8.643   3.873  1.00 8.33  ? 175 PHE A CD2  1 
ATOM   116 C CE1  . PHE A 1 8 ? -0.513 5.934   4.036  1.00 8.13  ? 175 PHE A CE1  1 
ATOM   117 C CE2  . PHE A 1 8 ? -2.079 7.720   3.764  1.00 8.46  ? 175 PHE A CE2  1 
ATOM   118 C CZ   . PHE A 1 8 ? -1.814 6.369   3.850  1.00 8.57  ? 175 PHE A CZ   1 
ATOM   119 H H    . PHE A 1 8 ? 3.300  7.954   2.744  1.00 5.96  ? 175 PHE A H    1 
ATOM   120 H HA   . PHE A 1 8 ? 1.534  9.950   2.225  1.00 7.13  ? 175 PHE A HA   1 
ATOM   121 H HB2  . PHE A 1 8 ? 2.038  8.909   4.818  1.00 7.44  ? 175 PHE A HB2  1 
ATOM   122 H HB3  . PHE A 1 8 ? 1.010  10.077  4.491  1.00 7.44  ? 175 PHE A HB3  1 
ATOM   123 H HD1  . PHE A 1 8 ? 1.400  6.563   4.248  1.00 8.19  ? 175 PHE A HD1  1 
ATOM   124 H HD2  . PHE A 1 8 ? -1.228 9.551   3.824  1.00 10.15 ? 175 PHE A HD2  1 
ATOM   125 H HE1  . PHE A 1 8 ? -0.331 5.025   4.097  1.00 9.91  ? 175 PHE A HE1  1 
ATOM   126 H HE2  . PHE A 1 8 ? -2.951 8.015   3.635  1.00 10.31 ? 175 PHE A HE2  1 
ATOM   127 H HZ   . PHE A 1 8 ? -2.506 5.751   3.782  1.00 10.44 ? 175 PHE A HZ   1 
ATOM   128 N N    . VAL A 1 9 ? 3.323  11.616  2.359  1.00 8.08  ? 176 VAL A N    1 
ATOM   129 C CA   . VAL A 1 9 ? 4.377  12.615  2.493  1.00 12.73 ? 176 VAL A CA   1 
ATOM   130 C C    . VAL A 1 9 ? 3.778  13.985  2.792  1.00 15.41 ? 176 VAL A C    1 
ATOM   131 O O    . VAL A 1 9 ? 3.798  14.450  3.933  1.00 17.56 ? 176 VAL A O    1 
ATOM   132 C CB   . VAL A 1 9 ? 5.272  12.669  1.234  1.00 16.34 ? 176 VAL A CB   1 
ATOM   133 C CG1  . VAL A 1 9 ? 6.629  13.286  1.577  1.00 18.19 ? 176 VAL A CG1  1 
ATOM   134 C CG2  . VAL A 1 9 ? 5.439  11.282  0.636  1.00 17.45 ? 176 VAL A CG2  1 
ATOM   135 H H    . VAL A 1 9 ? 2.728  11.816  1.771  1.00 9.85  ? 176 VAL A H    1 
ATOM   136 H HA   . VAL A 1 9 ? 4.940  12.364  3.241  1.00 15.43 ? 176 VAL A HA   1 
ATOM   137 H HB   . VAL A 1 9 ? 4.847  13.229  0.565  1.00 19.76 ? 176 VAL A HB   1 
ATOM   138 H HG11 . VAL A 1 9 ? 7.172  13.321  0.775  1.00 21.98 ? 176 VAL A HG11 1 
ATOM   139 H HG12 . VAL A 1 9 ? 6.490  14.181  1.922  1.00 21.98 ? 176 VAL A HG12 1 
ATOM   140 H HG13 . VAL A 1 9 ? 7.065  12.737  2.248  1.00 21.98 ? 176 VAL A HG13 1 
ATOM   141 H HG21 . VAL A 1 9 ? 6.032  11.338  -0.131 1.00 21.09 ? 176 VAL A HG21 1 
ATOM   142 H HG22 . VAL A 1 9 ? 5.820  10.692  1.305  1.00 21.09 ? 176 VAL A HG22 1 
ATOM   143 H HG23 . VAL A 1 9 ? 4.572  10.950  0.359  1.00 21.09 ? 176 VAL A HG23 1 
HETATM 144 O O    . HOH B 2 . ? -2.578 -9.139  -5.265 1.00 24.20 ? 201 HOH A O    1 
# 
loop_
_atom_site_anisotrop.id 
_atom_site_anisotrop.type_symbol 
_atom_site_anisotrop.pdbx_label_atom_id 
_atom_site_anisotrop.pdbx_label_alt_id 
_atom_site_anisotrop.pdbx_label_comp_id 
_atom_site_anisotrop.pdbx_label_asym_id 
_atom_site_anisotrop.pdbx_label_seq_id 
_atom_site_anisotrop.pdbx_PDB_ins_code 
_atom_site_anisotrop.U[1][1] 
_atom_site_anisotrop.U[2][2] 
_atom_site_anisotrop.U[3][3] 
_atom_site_anisotrop.U[1][2] 
_atom_site_anisotrop.U[1][3] 
_atom_site_anisotrop.U[2][3] 
_atom_site_anisotrop.pdbx_auth_seq_id 
_atom_site_anisotrop.pdbx_auth_comp_id 
_atom_site_anisotrop.pdbx_auth_asym_id 
_atom_site_anisotrop.pdbx_auth_atom_id 
1   N N   . GLU A 1 ? 0.2831 0.0841 0.1965 -0.0149 -0.0227 -0.0346 168 GLU A N   
2   C CA  . GLU A 1 ? 0.2622 0.0778 0.1721 -0.0068 -0.0357 -0.0281 168 GLU A CA  
3   C C   . GLU A 1 ? 0.1784 0.0601 0.1165 0.0090  -0.0766 -0.0098 168 GLU A C   
4   O O   . GLU A 1 ? 0.1904 0.0648 0.1206 0.0141  -0.0831 -0.0118 168 GLU A O   
5   C CB  . GLU A 1 ? 0.3149 0.0955 0.2233 -0.0088 -0.0063 -0.0482 168 GLU A CB  
6   C CG  . GLU A 1 ? 0.3455 0.1074 0.2529 -0.0121 0.0029  -0.0581 168 GLU A CG  
7   C CD  . GLU A 1 ? 0.3639 0.1204 0.2740 -0.0149 0.0069  -0.0718 168 GLU A CD  
8   O OE1 . GLU A 1 ? 0.3736 0.1277 0.2830 -0.0170 0.0105  -0.0783 168 GLU A OE1 
9   O OE2 . GLU A 1 ? 0.3663 0.1213 0.2830 -0.0124 0.0091  -0.0737 168 GLU A OE2 
18  N N   . PHE A 2 ? 0.1419 0.0432 0.0758 -0.0023 -0.0602 0.0042  169 PHE A N   
19  C CA  . PHE A 2 ? 0.1223 0.0389 0.0705 -0.0038 -0.0369 0.0096  169 PHE A CA  
20  C C   . PHE A 2 ? 0.0823 0.0294 0.0607 -0.0054 -0.0411 0.0046  169 PHE A C   
21  O O   . PHE A 2 ? 0.1025 0.0347 0.0610 -0.0124 -0.0391 0.0086  169 PHE A O   
22  C CB  . PHE A 2 ? 0.1282 0.0425 0.0706 -0.0046 -0.0166 0.0182  169 PHE A CB  
23  C CG  . PHE A 2 ? 0.1300 0.0477 0.0611 -0.0061 -0.0170 0.0192  169 PHE A CG  
24  C CD1 . PHE A 2 ? 0.1260 0.0489 0.0682 -0.0035 -0.0204 0.0181  169 PHE A CD1 
25  C CD2 . PHE A 2 ? 0.1120 0.0451 0.0748 -0.0032 -0.0241 0.0230  169 PHE A CD2 
26  C CE1 . PHE A 2 ? 0.1549 0.0540 0.0623 -0.0128 -0.0038 0.0179  169 PHE A CE1 
27  C CE2 . PHE A 2 ? 0.1417 0.0501 0.0957 -0.0137 -0.0052 0.0139  169 PHE A CE2 
28  C CZ  . PHE A 2 ? 0.1403 0.0492 0.0704 -0.0065 -0.0174 0.0200  169 PHE A CZ  
38  N N   . SER A 3 ? 0.0866 0.0273 0.0597 -0.0012 -0.0256 0.0067  170 SER A N   
39  C CA  . SER A 3 ? 0.0865 0.0242 0.0585 0.0043  -0.0178 0.0008  170 SER A CA  
40  C C   . SER A 3 ? 0.0760 0.0246 0.0444 0.0046  -0.0329 -0.0030 170 SER A C   
41  O O   . SER A 3 ? 0.0939 0.0304 0.0511 0.0063  -0.0415 -0.0051 170 SER A O   
42  C CB  . SER A 3 ? 0.0927 0.0393 0.0848 0.0056  -0.0064 -0.0195 170 SER A CB  
43  O OG  . SER A 3 ? 0.1384 0.0528 0.1078 0.0033  0.0169  -0.0324 170 SER A OG  
49  N N   . ASN A 4 ? 0.0565 0.0162 0.0300 -0.0012 -0.0228 -0.0002 171 ASN A N   
50  C CA  . ASN A 4 ? 0.0367 0.0169 0.0253 -0.0005 -0.0133 0.0062  171 ASN A CA  
51  C C   . ASN A 4 ? 0.0456 0.0194 0.0283 0.0048  -0.0168 0.0025  171 ASN A C   
52  O O   . ASN A 4 ? 0.0626 0.0199 0.0337 0.0017  -0.0234 0.0006  171 ASN A O   
53  C CB  . ASN A 4 ? 0.0628 0.0274 0.0275 -0.0045 0.0069  0.0087  171 ASN A CB  
54  C CG  . ASN A 4 ? 0.0080 0.0221 0.0092 0.0043  0.0012  0.0116  171 ASN A CG  
55  O OD1 . ASN A 4 ? 0.0205 0.0437 0.0269 -0.0059 0.0112  -0.0001 171 ASN A OD1 
56  N ND2 . ASN A 4 ? 0.0454 0.0403 0.0315 0.0099  -0.0168 0.0080  171 ASN A ND2 
63  N N   . GLN A 5 ? 0.0126 0.0134 0.0221 0.0041  -0.0059 0.0030  172 GLN A N   
64  C CA  . GLN A 5 ? 0.0085 0.0066 0.0202 -0.0012 -0.0062 0.0028  172 GLN A CA  
65  C C   . GLN A 5 ? 0.0358 0.0142 0.0282 0.0015  -0.0131 -0.0056 172 GLN A C   
66  O O   . GLN A 5 ? 0.0469 0.0160 0.0220 0.0099  -0.0162 -0.0041 172 GLN A O   
67  C CB  . GLN A 5 ? 0.0061 0.0106 0.0231 -0.0007 0.0014  0.0014  172 GLN A CB  
68  C CG  . GLN A 5 ? 0.0116 0.0240 0.0404 0.0002  0.0010  -0.0113 172 GLN A CG  
69  C CD  . GLN A 5 ? 0.0384 0.0199 0.0323 0.0064  -0.0189 -0.0085 172 GLN A CD  
70  O OE1 . GLN A 5 ? 0.0660 0.0187 0.0289 0.0090  -0.0239 -0.0016 172 GLN A OE1 
71  N NE2 . GLN A 5 ? 0.0571 0.0183 0.0314 0.0076  -0.0169 -0.0020 172 GLN A NE2 
80  N N   . ASN A 6 ? 0.0325 0.0123 0.0249 0.0023  -0.0203 -0.0044 173 ASN A N   
81  C CA  . ASN A 6 ? 0.0577 0.0181 0.0322 0.0021  -0.0259 -0.0027 173 ASN A CA  
82  C C   . ASN A 6 ? 0.0614 0.0224 0.0428 0.0064  -0.0311 -0.0052 173 ASN A C   
83  O O   . ASN A 6 ? 0.0853 0.0264 0.0553 0.0080  -0.0396 -0.0071 173 ASN A O   
84  C CB  . ASN A 6 ? 0.0824 0.0231 0.0397 0.0036  -0.0312 -0.0040 173 ASN A CB  
85  C CG  . ASN A 6 ? 0.0957 0.0277 0.0507 0.0086  -0.0380 -0.0065 173 ASN A CG  
86  O OD1 . ASN A 6 ? 0.1131 0.0338 0.0527 0.0077  -0.0422 -0.0060 173 ASN A OD1 
87  N ND2 . ASN A 6 ? 0.0880 0.0253 0.0537 0.0080  -0.0390 -0.0038 173 ASN A ND2 
94  N N   . ASN A 7 ? 0.0763 0.0248 0.0447 0.0044  -0.0331 -0.0029 174 ASN A N   
95  C CA  . ASN A 7 ? 0.0845 0.0251 0.0474 0.0024  -0.0354 -0.0025 174 ASN A CA  
96  C C   . ASN A 7 ? 0.0875 0.0269 0.0494 0.0058  -0.0367 -0.0045 174 ASN A C   
97  O O   . ASN A 7 ? 0.1028 0.0320 0.0591 0.0114  -0.0434 -0.0085 174 ASN A O   
98  C CB  . ASN A 7 ? 0.0714 0.0242 0.0488 0.0052  -0.0351 -0.0028 174 ASN A CB  
99  C CG  . ASN A 7 ? 0.0673 0.0214 0.0424 0.0040  -0.0322 -0.0009 174 ASN A CG  
100 O OD1 . ASN A 7 ? 0.0841 0.0246 0.0360 0.0019  -0.0300 -0.0018 174 ASN A OD1 
101 N ND2 . ASN A 7 ? 0.0784 0.0240 0.0492 0.0046  -0.0367 -0.0056 174 ASN A ND2 
108 N N   . PHE A 8 ? 0.0986 0.0290 0.0561 0.0041  -0.0412 -0.0025 175 PHE A N   
109 C CA  . PHE A 8 ? 0.1219 0.0337 0.0652 0.0033  -0.0486 -0.0010 175 PHE A CA  
110 C C   . PHE A 8 ? 0.1158 0.0374 0.0865 0.0074  -0.0590 -0.0045 175 PHE A C   
111 O O   . PHE A 8 ? 0.1369 0.0454 0.0865 0.0055  -0.0603 -0.0049 175 PHE A O   
112 C CB  . PHE A 8 ? 0.1253 0.0384 0.0671 0.0048  -0.0524 -0.0010 175 PHE A CB  
113 C CG  . PHE A 8 ? 0.1154 0.0568 0.0833 -0.0067 -0.0489 -0.0124 175 PHE A CG  
114 C CD1 . PHE A 8 ? 0.1190 0.0617 0.0736 -0.0090 -0.0467 -0.0102 175 PHE A CD1 
115 C CD2 . PHE A 8 ? 0.1583 0.0618 0.0964 -0.0149 -0.0329 -0.0227 175 PHE A CD2 
116 C CE1 . PHE A 8 ? 0.1543 0.0744 0.0801 -0.0194 -0.0382 -0.0194 175 PHE A CE1 
117 C CE2 . PHE A 8 ? 0.1519 0.0700 0.0996 -0.0185 -0.0298 -0.0262 175 PHE A CE2 
118 C CZ  . PHE A 8 ? 0.1627 0.0798 0.0831 -0.0294 -0.0261 -0.0245 175 PHE A CZ  
128 N N   . VAL A 9 ? 0.1514 0.0505 0.1052 0.0044  -0.0632 -0.0074 176 VAL A N   
129 C CA  . VAL A 9 ? 0.2357 0.0767 0.1713 -0.0199 -0.0168 -0.0378 176 VAL A CA  
130 C C   . VAL A 9 ? 0.2807 0.1009 0.2040 -0.0355 0.0077  -0.0549 176 VAL A C   
131 O O   . VAL A 9 ? 0.3206 0.1192 0.2273 -0.0443 0.0259  -0.0634 176 VAL A O   
132 C CB  . VAL A 9 ? 0.3015 0.1020 0.2173 -0.0328 0.0229  -0.0524 176 VAL A CB  
133 C CG1 . VAL A 9 ? 0.3288 0.1153 0.2473 -0.0372 0.0432  -0.0600 176 VAL A CG1 
134 C CG2 . VAL A 9 ? 0.3258 0.1106 0.2266 -0.0354 0.0339  -0.0550 176 VAL A CG2 
144 O O   . HOH B . ? 0.2594 0.2897 0.3705 0.0503  -0.1082 -0.1185 201 HOH A O   
# 
